data_1JY3
#
_entry.id   1JY3
#
_cell.length_a   53.700
_cell.length_b   59.100
_cell.length_c   97.300
_cell.angle_alpha   90.00
_cell.angle_beta   90.00
_cell.angle_gamma   90.00
#
_symmetry.space_group_name_H-M   'P 21 21 21'
#
loop_
_entity.id
_entity.type
_entity.pdbx_description
1 polymer 'FIBRINOGEN ALPHA CHAIN'
2 polymer 'FIBRINOGEN BETA CHAIN'
3 polymer 'FIBRINOGEN GAMMA-B CHAIN'
4 water water
#
loop_
_entity_poly.entity_id
_entity_poly.type
_entity_poly.pdbx_seq_one_letter_code
_entity_poly.pdbx_strand_id
1 'polypeptide(L)' SACKETGWPFCSDEDWNTKCPSGCRMKGLIDEVDQDFTSRINKLRDSLFNYQK N,Q
2 'polypeptide(L)' KVERKPPDADGCLHADPDLGVLCPTGCKLQDTLVRQERPIRKSIEDLRNTVDSVSR O,R
3 'polypeptide(L)' YVATRDNCCILDERFGSYCPTTCGIADFLNNYQTSVDKDLRTLEGILY P,S
#
# COMPACT_ATOMS: atom_id res chain seq x y z
N GLY A 7 -17.81 -9.43 -0.26
CA GLY A 7 -19.11 -8.69 -0.21
C GLY A 7 -18.96 -7.23 0.16
N TRP A 8 -17.92 -6.58 -0.38
CA TRP A 8 -17.68 -5.17 -0.11
C TRP A 8 -18.64 -4.23 -0.82
N PRO A 9 -18.87 -3.05 -0.23
CA PRO A 9 -19.77 -2.07 -0.86
C PRO A 9 -19.00 -1.42 -2.01
N PHE A 10 -19.69 -0.62 -2.81
CA PHE A 10 -19.04 0.07 -3.92
C PHE A 10 -18.42 1.37 -3.42
N CYS A 11 -17.25 1.72 -3.93
CA CYS A 11 -16.57 2.94 -3.50
C CYS A 11 -17.33 4.17 -3.94
N SER A 12 -17.07 5.28 -3.27
CA SER A 12 -17.67 6.56 -3.63
C SER A 12 -16.51 7.36 -4.20
N ASP A 13 -16.82 8.46 -4.86
CA ASP A 13 -15.79 9.30 -5.48
C ASP A 13 -14.79 9.84 -4.48
N GLU A 14 -15.25 10.02 -3.25
CA GLU A 14 -14.41 10.57 -2.20
C GLU A 14 -13.40 9.57 -1.60
N ASP A 15 -13.57 8.29 -1.89
CA ASP A 15 -12.68 7.25 -1.38
C ASP A 15 -11.30 7.21 -2.03
N TRP A 16 -11.22 7.56 -3.30
CA TRP A 16 -9.91 7.55 -3.96
C TRP A 16 -8.92 8.41 -3.20
N ASN A 17 -7.70 7.90 -3.11
CA ASN A 17 -6.56 8.51 -2.43
C ASN A 17 -6.47 8.07 -0.97
N THR A 18 -7.64 7.73 -0.40
CA THR A 18 -7.77 7.21 0.96
C THR A 18 -7.75 5.69 0.94
N LYS A 19 -8.34 5.12 -0.12
CA LYS A 19 -8.42 3.67 -0.38
C LYS A 19 -7.88 3.45 -1.78
N CYS A 20 -6.98 2.48 -1.93
CA CYS A 20 -6.30 2.26 -3.23
C CYS A 20 -6.22 0.78 -3.59
N PRO A 21 -5.88 0.47 -4.84
CA PRO A 21 -5.79 -0.93 -5.29
C PRO A 21 -4.70 -1.77 -4.67
N SER A 22 -4.86 -3.09 -4.80
CA SER A 22 -3.85 -4.03 -4.31
C SER A 22 -2.54 -3.89 -5.14
N GLY A 23 -1.40 -3.96 -4.48
CA GLY A 23 -0.14 -3.88 -5.21
C GLY A 23 0.02 -5.07 -6.16
N CYS A 24 -0.54 -6.21 -5.83
CA CYS A 24 -0.45 -7.37 -6.72
C CYS A 24 -1.25 -7.09 -7.99
N ARG A 25 -2.40 -6.44 -7.85
CA ARG A 25 -3.20 -6.11 -9.03
C ARG A 25 -2.45 -5.04 -9.86
N MET A 26 -1.88 -4.02 -9.21
CA MET A 26 -1.18 -3.03 -10.03
C MET A 26 0.03 -3.61 -10.76
N LYS A 27 0.73 -4.57 -10.15
CA LYS A 27 1.90 -5.16 -10.81
C LYS A 27 1.38 -5.92 -12.03
N GLY A 28 0.25 -6.62 -11.85
CA GLY A 28 -0.33 -7.35 -12.97
C GLY A 28 -0.66 -6.45 -14.13
N LEU A 29 -1.32 -5.32 -13.82
CA LEU A 29 -1.74 -4.35 -14.84
C LEU A 29 -0.54 -3.69 -15.50
N ILE A 30 0.49 -3.35 -14.72
CA ILE A 30 1.68 -2.71 -15.27
C ILE A 30 2.35 -3.64 -16.27
N ASP A 31 2.48 -4.90 -15.90
CA ASP A 31 3.13 -5.86 -16.77
C ASP A 31 2.35 -6.11 -18.04
N GLU A 32 1.03 -6.13 -17.93
CA GLU A 32 0.16 -6.32 -19.09
C GLU A 32 0.31 -5.15 -20.06
N VAL A 33 0.36 -3.94 -19.53
CA VAL A 33 0.55 -2.78 -20.41
C VAL A 33 1.91 -2.84 -21.10
N ASP A 34 2.95 -3.24 -20.39
CA ASP A 34 4.28 -3.30 -21.01
C ASP A 34 4.32 -4.36 -22.10
N GLN A 35 3.66 -5.49 -21.88
CA GLN A 35 3.63 -6.56 -22.88
C GLN A 35 2.87 -6.09 -24.12
N ASP A 36 1.76 -5.41 -23.91
CA ASP A 36 1.00 -4.91 -25.05
C ASP A 36 1.80 -3.90 -25.87
N PHE A 37 2.41 -2.92 -25.21
CA PHE A 37 3.19 -1.92 -25.92
C PHE A 37 4.42 -2.53 -26.61
N THR A 38 5.08 -3.48 -25.95
CA THR A 38 6.26 -4.12 -26.53
C THR A 38 5.82 -4.87 -27.81
N SER A 39 4.69 -5.56 -27.75
CA SER A 39 4.20 -6.30 -28.92
C SER A 39 3.84 -5.34 -30.07
N ARG A 40 3.19 -4.23 -29.74
CA ARG A 40 2.81 -3.27 -30.76
C ARG A 40 4.00 -2.58 -31.41
N ILE A 41 5.00 -2.24 -30.60
CA ILE A 41 6.22 -1.62 -31.11
C ILE A 41 6.95 -2.62 -32.01
N ASN A 42 7.03 -3.89 -31.61
CA ASN A 42 7.73 -4.86 -32.45
C ASN A 42 7.03 -5.06 -33.79
N LYS A 43 5.70 -5.01 -33.80
CA LYS A 43 4.94 -5.17 -35.04
C LYS A 43 5.20 -4.02 -36.00
N LEU A 44 5.29 -2.81 -35.46
CA LEU A 44 5.58 -1.62 -36.26
C LEU A 44 7.01 -1.72 -36.82
N ARG A 45 7.94 -2.25 -36.02
CA ARG A 45 9.32 -2.38 -36.48
C ARG A 45 9.38 -3.39 -37.63
N ASP A 46 8.69 -4.50 -37.47
CA ASP A 46 8.68 -5.51 -38.54
C ASP A 46 8.15 -4.95 -39.85
N SER A 47 7.22 -4.00 -39.78
CA SER A 47 6.64 -3.43 -40.99
C SER A 47 7.52 -2.36 -41.63
N LEU A 48 8.34 -1.68 -40.82
CA LEU A 48 9.22 -0.62 -41.32
C LEU A 48 10.61 -1.12 -41.71
N PHE A 49 11.16 -2.07 -40.96
CA PHE A 49 12.49 -2.60 -41.25
C PHE A 49 12.45 -4.06 -41.68
N ASN A 50 11.26 -4.59 -41.96
CA ASN A 50 11.14 -5.98 -42.34
C ASN A 50 9.96 -6.19 -43.28
N ARG B 4 -11.24 -10.31 -20.07
CA ARG B 4 -10.15 -11.14 -19.47
C ARG B 4 -10.04 -10.86 -17.96
N LYS B 5 -9.81 -11.91 -17.17
CA LYS B 5 -9.71 -11.76 -15.72
C LYS B 5 -8.53 -10.87 -15.35
N PRO B 6 -8.79 -9.84 -14.52
CA PRO B 6 -7.70 -8.93 -14.12
C PRO B 6 -6.47 -9.65 -13.63
N PRO B 7 -5.31 -9.27 -14.15
CA PRO B 7 -4.04 -9.89 -13.77
C PRO B 7 -3.53 -9.49 -12.40
N ASP B 8 -3.03 -10.49 -11.68
CA ASP B 8 -2.44 -10.29 -10.36
C ASP B 8 -1.04 -10.88 -10.48
N ALA B 9 -0.07 -10.26 -9.81
CA ALA B 9 1.29 -10.74 -9.87
C ALA B 9 2.15 -10.38 -8.68
N ASP B 10 3.19 -11.17 -8.50
CA ASP B 10 4.21 -11.01 -7.47
C ASP B 10 3.79 -11.07 -6.01
N GLY B 11 2.69 -11.75 -5.71
CA GLY B 11 2.28 -11.88 -4.32
C GLY B 11 2.96 -13.08 -3.66
N CYS B 12 3.05 -13.08 -2.34
CA CYS B 12 3.65 -14.21 -1.62
C CYS B 12 2.92 -14.36 -0.30
N LEU B 13 2.89 -15.57 0.24
CA LEU B 13 2.21 -15.78 1.53
C LEU B 13 3.18 -15.63 2.69
N HIS B 14 2.85 -14.74 3.61
CA HIS B 14 3.70 -14.51 4.78
C HIS B 14 3.61 -15.74 5.72
N ALA B 15 4.70 -16.00 6.44
CA ALA B 15 4.76 -17.13 7.39
C ALA B 15 3.65 -17.06 8.44
N ASP B 16 3.28 -15.83 8.82
CA ASP B 16 2.23 -15.62 9.81
C ASP B 16 0.92 -15.52 9.06
N PRO B 17 0.05 -16.52 9.21
CA PRO B 17 -1.24 -16.46 8.50
C PRO B 17 -2.08 -15.21 8.72
N ASP B 18 -1.92 -14.52 9.85
CA ASP B 18 -2.71 -13.33 10.11
C ASP B 18 -2.37 -12.23 9.11
N LEU B 19 -1.15 -12.24 8.59
CA LEU B 19 -0.78 -11.19 7.65
C LEU B 19 -1.20 -11.48 6.21
N GLY B 20 -1.47 -12.74 5.91
CA GLY B 20 -1.95 -13.10 4.57
C GLY B 20 -0.99 -12.91 3.42
N VAL B 21 -1.56 -12.54 2.28
CA VAL B 21 -0.82 -12.32 1.04
C VAL B 21 -0.15 -10.95 1.03
N LEU B 22 1.15 -10.95 0.76
CA LEU B 22 1.92 -9.70 0.69
C LEU B 22 2.07 -9.33 -0.79
N CYS B 23 1.99 -8.04 -1.08
CA CYS B 23 2.08 -7.52 -2.45
C CYS B 23 3.11 -6.41 -2.56
N PRO B 24 3.67 -6.21 -3.76
CA PRO B 24 4.67 -5.15 -3.97
C PRO B 24 4.20 -3.80 -3.40
N THR B 25 5.12 -3.10 -2.75
CA THR B 25 4.85 -1.77 -2.22
C THR B 25 4.81 -0.73 -3.36
N GLY B 26 4.37 0.48 -3.04
CA GLY B 26 4.35 1.55 -4.04
C GLY B 26 5.76 1.85 -4.54
N CYS B 27 6.77 1.62 -3.68
CA CYS B 27 8.17 1.88 -4.10
C CYS B 27 8.60 0.91 -5.18
N LYS B 28 8.29 -0.39 -5.02
CA LYS B 28 8.67 -1.37 -6.03
C LYS B 28 7.92 -1.13 -7.34
N LEU B 29 6.63 -0.79 -7.24
CA LEU B 29 5.82 -0.54 -8.43
C LEU B 29 6.33 0.69 -9.16
N GLN B 30 6.74 1.72 -8.43
CA GLN B 30 7.28 2.91 -9.02
C GLN B 30 8.56 2.58 -9.80
N ASP B 31 9.45 1.80 -9.18
CA ASP B 31 10.71 1.42 -9.85
C ASP B 31 10.41 0.73 -11.18
N THR B 32 9.45 -0.19 -11.17
CA THR B 32 9.09 -0.92 -12.37
C THR B 32 8.67 0.04 -13.49
N LEU B 33 7.77 0.99 -13.17
CA LEU B 33 7.29 1.92 -14.18
C LEU B 33 8.35 2.89 -14.69
N VAL B 34 9.19 3.39 -13.79
CA VAL B 34 10.25 4.32 -14.17
C VAL B 34 11.20 3.64 -15.16
N ARG B 35 11.53 2.38 -14.90
CA ARG B 35 12.43 1.65 -15.79
C ARG B 35 11.81 1.25 -17.15
N GLN B 36 10.50 1.00 -17.18
CA GLN B 36 9.84 0.63 -18.42
C GLN B 36 9.55 1.82 -19.30
N GLU B 37 9.16 2.93 -18.69
CA GLU B 37 8.80 4.11 -19.46
C GLU B 37 9.89 4.64 -20.39
N ARG B 38 11.12 4.64 -19.92
CA ARG B 38 12.20 5.18 -20.75
C ARG B 38 12.39 4.54 -22.12
N PRO B 39 12.61 3.21 -22.18
CA PRO B 39 12.80 2.60 -23.52
C PRO B 39 11.52 2.64 -24.37
N ILE B 40 10.37 2.61 -23.71
CA ILE B 40 9.09 2.66 -24.43
C ILE B 40 8.94 4.02 -25.12
N ARG B 41 9.10 5.12 -24.36
CA ARG B 41 8.97 6.44 -24.98
C ARG B 41 10.05 6.69 -26.03
N LYS B 42 11.26 6.17 -25.80
CA LYS B 42 12.33 6.40 -26.78
C LYS B 42 12.09 5.61 -28.05
N SER B 43 11.57 4.39 -27.90
CA SER B 43 11.29 3.55 -29.05
C SER B 43 10.21 4.21 -29.91
N ILE B 44 9.23 4.87 -29.27
CA ILE B 44 8.16 5.54 -30.01
C ILE B 44 8.70 6.76 -30.74
N GLU B 45 9.61 7.50 -30.10
CA GLU B 45 10.20 8.65 -30.79
C GLU B 45 11.00 8.13 -31.98
N ASP B 46 11.72 7.03 -31.81
CA ASP B 46 12.51 6.49 -32.91
C ASP B 46 11.59 6.11 -34.09
N LEU B 47 10.44 5.53 -33.80
CA LEU B 47 9.53 5.15 -34.88
C LEU B 47 8.98 6.41 -35.57
N ARG B 48 8.66 7.43 -34.79
CA ARG B 48 8.14 8.67 -35.39
C ARG B 48 9.16 9.24 -36.35
N ASN B 49 10.44 9.22 -35.97
CA ASN B 49 11.47 9.77 -36.83
C ASN B 49 11.65 8.95 -38.09
N THR B 50 11.56 7.63 -38.01
CA THR B 50 11.72 6.83 -39.21
C THR B 50 10.56 7.16 -40.17
N VAL B 51 9.36 7.27 -39.61
CA VAL B 51 8.18 7.59 -40.42
C VAL B 51 8.26 9.00 -41.01
N ASP B 52 8.59 10.00 -40.19
CA ASP B 52 8.68 11.38 -40.67
C ASP B 52 9.82 11.59 -41.66
N SER B 53 10.78 10.67 -41.69
CA SER B 53 11.90 10.78 -42.62
C SER B 53 11.51 10.25 -43.99
N VAL B 54 10.20 10.18 -44.23
CA VAL B 54 9.67 9.71 -45.50
C VAL B 54 8.50 10.60 -45.90
N VAL C 2 25.54 4.17 3.56
CA VAL C 2 24.48 3.98 2.54
C VAL C 2 23.23 3.43 3.26
N ALA C 3 22.07 3.63 2.65
CA ALA C 3 20.82 3.08 3.18
C ALA C 3 20.31 2.28 2.00
N THR C 4 19.59 1.19 2.26
CA THR C 4 19.04 0.39 1.17
C THR C 4 17.86 1.18 0.60
N ARG C 5 17.53 0.95 -0.67
CA ARG C 5 16.44 1.69 -1.32
C ARG C 5 15.06 1.35 -0.82
N ASP C 6 14.94 0.39 0.09
CA ASP C 6 13.62 0.13 0.67
C ASP C 6 13.59 0.76 2.07
N ASN C 7 14.64 1.50 2.43
CA ASN C 7 14.72 2.10 3.76
C ASN C 7 15.46 3.44 3.73
N CYS C 8 15.24 4.22 2.68
CA CYS C 8 15.94 5.50 2.54
C CYS C 8 14.99 6.70 2.49
N CYS C 9 13.76 6.48 2.95
CA CYS C 9 12.74 7.54 2.98
C CYS C 9 11.97 7.50 4.28
N ILE C 10 12.69 7.44 5.41
CA ILE C 10 12.03 7.36 6.72
C ILE C 10 11.57 8.75 7.13
N LEU C 11 10.26 9.00 7.06
CA LEU C 11 9.74 10.33 7.38
C LEU C 11 9.08 10.43 8.76
N ASP C 12 8.98 9.28 9.44
CA ASP C 12 8.45 9.21 10.79
C ASP C 12 9.16 7.99 11.39
N GLU C 13 9.96 8.23 12.43
CA GLU C 13 10.73 7.15 13.03
C GLU C 13 9.92 5.96 13.55
N ARG C 14 8.62 6.18 13.85
CA ARG C 14 7.82 5.08 14.38
C ARG C 14 7.05 4.32 13.28
N PHE C 15 6.98 4.88 12.07
CA PHE C 15 6.27 4.24 10.98
C PHE C 15 7.13 3.77 9.81
N GLY C 16 8.43 4.03 9.89
CA GLY C 16 9.31 3.54 8.84
C GLY C 16 9.50 4.32 7.55
N SER C 17 9.94 3.61 6.51
CA SER C 17 10.24 4.24 5.22
C SER C 17 8.99 4.31 4.32
N TYR C 18 8.84 5.46 3.69
CA TYR C 18 7.64 5.78 2.88
C TYR C 18 7.72 5.45 1.41
N CYS C 19 6.54 5.22 0.83
CA CYS C 19 6.38 4.90 -0.60
C CYS C 19 5.13 5.55 -1.14
N PRO C 20 5.05 5.72 -2.46
CA PRO C 20 3.81 6.32 -3.00
C PRO C 20 2.70 5.30 -2.78
N THR C 21 1.45 5.75 -2.90
CA THR C 21 0.32 4.83 -2.73
C THR C 21 0.03 4.17 -4.07
N THR C 22 -0.79 3.12 -4.06
CA THR C 22 -1.15 2.49 -5.33
C THR C 22 -2.15 3.38 -6.09
N CYS C 23 -2.73 4.40 -5.44
CA CYS C 23 -3.58 5.33 -6.22
C CYS C 23 -2.63 6.17 -7.10
N GLY C 24 -1.47 6.54 -6.54
CA GLY C 24 -0.50 7.30 -7.32
C GLY C 24 0.02 6.42 -8.45
N ILE C 25 0.28 5.16 -8.14
CA ILE C 25 0.74 4.22 -9.17
C ILE C 25 -0.35 4.10 -10.28
N ALA C 26 -1.60 3.90 -9.88
CA ALA C 26 -2.68 3.75 -10.85
C ALA C 26 -2.90 4.99 -11.68
N ASP C 27 -2.81 6.16 -11.07
CA ASP C 27 -3.02 7.40 -11.81
C ASP C 27 -1.86 7.66 -12.79
N PHE C 28 -0.63 7.34 -12.36
CA PHE C 28 0.51 7.50 -13.25
C PHE C 28 0.33 6.53 -14.44
N LEU C 29 -0.02 5.28 -14.15
CA LEU C 29 -0.19 4.28 -15.18
C LEU C 29 -1.27 4.67 -16.17
N ASN C 30 -2.36 5.22 -15.67
CA ASN C 30 -3.45 5.62 -16.56
C ASN C 30 -2.99 6.70 -17.55
N ASN C 31 -2.27 7.70 -17.05
CA ASN C 31 -1.81 8.76 -17.93
C ASN C 31 -0.79 8.26 -18.94
N TYR C 32 0.15 7.44 -18.47
CA TYR C 32 1.19 6.87 -19.30
C TYR C 32 0.61 5.96 -20.37
N GLN C 33 -0.30 5.09 -19.96
CA GLN C 33 -0.88 4.15 -20.93
C GLN C 33 -1.72 4.87 -21.98
N THR C 34 -2.46 5.91 -21.57
CA THR C 34 -3.33 6.63 -22.48
C THR C 34 -2.50 7.40 -23.49
N SER C 35 -1.42 8.02 -22.98
CA SER C 35 -0.51 8.83 -23.82
C SER C 35 0.21 7.99 -24.86
N VAL C 36 0.84 6.91 -24.41
CA VAL C 36 1.56 6.01 -25.31
C VAL C 36 0.59 5.33 -26.28
N ASP C 37 -0.59 4.92 -25.81
CA ASP C 37 -1.56 4.27 -26.71
C ASP C 37 -1.95 5.20 -27.86
N LYS C 38 -2.13 6.49 -27.55
CA LYS C 38 -2.52 7.45 -28.59
C LYS C 38 -1.40 7.60 -29.61
N ASP C 39 -0.16 7.62 -29.14
CA ASP C 39 0.95 7.77 -30.07
C ASP C 39 1.07 6.51 -30.94
N LEU C 40 0.90 5.32 -30.35
CA LEU C 40 0.95 4.10 -31.12
C LEU C 40 -0.20 4.04 -32.14
N ARG C 41 -1.40 4.45 -31.73
CA ARG C 41 -2.55 4.43 -32.66
C ARG C 41 -2.26 5.24 -33.93
N THR C 42 -1.67 6.42 -33.75
CA THR C 42 -1.35 7.26 -34.88
C THR C 42 -0.37 6.55 -35.80
N LEU C 43 0.68 5.96 -35.22
CA LEU C 43 1.67 5.26 -36.05
C LEU C 43 1.06 4.06 -36.76
N GLU C 44 0.17 3.34 -36.06
CA GLU C 44 -0.47 2.15 -36.62
C GLU C 44 -1.50 2.47 -37.71
N GLY C 45 -1.92 3.72 -37.76
CA GLY C 45 -2.90 4.16 -38.77
C GLY C 45 -2.26 4.64 -40.05
N ILE C 46 -0.93 4.77 -40.07
CA ILE C 46 -0.27 5.23 -41.28
C ILE C 46 -0.10 4.07 -42.28
N LEU C 47 -0.51 4.27 -43.54
CA LEU C 47 -0.36 3.23 -44.56
C LEU C 47 0.96 3.48 -45.29
N GLY D 7 -2.79 -19.60 -5.79
CA GLY D 7 -1.86 -20.26 -4.84
C GLY D 7 -0.48 -19.64 -4.86
N TRP D 8 -0.33 -18.46 -4.26
CA TRP D 8 0.96 -17.79 -4.24
C TRP D 8 1.96 -18.59 -3.44
N PRO D 9 3.25 -18.42 -3.76
CA PRO D 9 4.35 -19.11 -3.07
C PRO D 9 4.62 -18.42 -1.72
N PHE D 10 5.34 -19.07 -0.81
CA PHE D 10 5.65 -18.46 0.47
C PHE D 10 6.70 -17.35 0.37
N CYS D 11 6.57 -16.31 1.20
CA CYS D 11 7.54 -15.23 1.17
C CYS D 11 8.87 -15.61 1.80
N SER D 12 9.90 -14.94 1.34
CA SER D 12 11.24 -15.11 1.87
C SER D 12 11.32 -14.08 2.99
N ASP D 13 12.27 -14.26 3.90
CA ASP D 13 12.42 -13.32 5.00
C ASP D 13 12.76 -11.93 4.45
N GLU D 14 13.55 -11.94 3.37
CA GLU D 14 14.01 -10.71 2.72
C GLU D 14 12.89 -9.89 2.07
N ASP D 15 11.77 -10.54 1.78
CA ASP D 15 10.63 -9.88 1.14
C ASP D 15 10.03 -8.75 1.98
N TRP D 16 10.06 -8.86 3.31
CA TRP D 16 9.49 -7.78 4.14
C TRP D 16 10.08 -6.43 3.77
N ASN D 17 9.18 -5.44 3.67
CA ASN D 17 9.47 -4.06 3.29
C ASN D 17 9.51 -3.84 1.78
N THR D 18 9.45 -4.92 1.00
CA THR D 18 9.35 -4.83 -0.46
C THR D 18 7.99 -5.41 -0.90
N LYS D 19 7.42 -6.30 -0.07
CA LYS D 19 6.06 -6.87 -0.27
C LYS D 19 5.41 -6.72 1.11
N CYS D 20 4.19 -6.17 1.16
CA CYS D 20 3.53 -5.86 2.42
C CYS D 20 2.09 -6.28 2.42
N PRO D 21 1.47 -6.39 3.62
CA PRO D 21 0.08 -6.82 3.74
C PRO D 21 -0.97 -5.93 3.10
N SER D 22 -2.17 -6.49 2.91
CA SER D 22 -3.27 -5.73 2.35
C SER D 22 -3.70 -4.68 3.39
N GLY D 23 -4.04 -3.48 2.92
CA GLY D 23 -4.52 -2.44 3.83
C GLY D 23 -5.82 -2.84 4.52
N CYS D 24 -6.61 -3.73 3.89
CA CYS D 24 -7.87 -4.16 4.48
C CYS D 24 -7.60 -5.16 5.61
N ARG D 25 -6.55 -5.97 5.45
CA ARG D 25 -6.18 -6.92 6.49
C ARG D 25 -5.65 -6.09 7.67
N MET D 26 -4.79 -5.11 7.39
CA MET D 26 -4.29 -4.31 8.49
C MET D 26 -5.36 -3.57 9.26
N LYS D 27 -6.37 -3.02 8.58
CA LYS D 27 -7.42 -2.29 9.28
C LYS D 27 -8.18 -3.29 10.14
N GLY D 28 -8.37 -4.49 9.63
CA GLY D 28 -9.04 -5.53 10.40
C GLY D 28 -8.28 -5.80 11.71
N LEU D 29 -6.96 -5.94 11.60
CA LEU D 29 -6.12 -6.23 12.76
C LEU D 29 -6.08 -5.04 13.73
N ILE D 30 -6.05 -3.82 13.18
CA ILE D 30 -6.02 -2.61 13.98
C ILE D 30 -7.33 -2.50 14.78
N ASP D 31 -8.44 -2.80 14.12
CA ASP D 31 -9.75 -2.73 14.76
C ASP D 31 -9.87 -3.73 15.90
N GLU D 32 -9.33 -4.93 15.68
CA GLU D 32 -9.37 -5.98 16.69
C GLU D 32 -8.58 -5.56 17.92
N VAL D 33 -7.41 -4.96 17.72
CA VAL D 33 -6.61 -4.52 18.86
C VAL D 33 -7.32 -3.40 19.61
N ASP D 34 -7.94 -2.45 18.89
CA ASP D 34 -8.61 -1.33 19.55
C ASP D 34 -9.84 -1.82 20.33
N GLN D 35 -10.53 -2.80 19.79
CA GLN D 35 -11.71 -3.37 20.48
C GLN D 35 -11.25 -4.06 21.79
N ASP D 36 -10.14 -4.80 21.72
CA ASP D 36 -9.59 -5.51 22.89
C ASP D 36 -9.20 -4.50 23.96
N PHE D 37 -8.48 -3.47 23.56
CA PHE D 37 -8.04 -2.48 24.54
C PHE D 37 -9.21 -1.69 25.13
N THR D 38 -10.17 -1.29 24.29
CA THR D 38 -11.34 -0.56 24.78
C THR D 38 -12.13 -1.45 25.77
N SER D 39 -12.33 -2.72 25.42
CA SER D 39 -13.05 -3.63 26.29
C SER D 39 -12.32 -3.81 27.64
N ARG D 40 -11.00 -3.96 27.58
CA ARG D 40 -10.26 -4.15 28.81
C ARG D 40 -10.27 -2.92 29.71
N ILE D 41 -10.26 -1.72 29.11
CA ILE D 41 -10.31 -0.50 29.91
C ILE D 41 -11.67 -0.41 30.59
N ASN D 42 -12.72 -0.76 29.85
CA ASN D 42 -14.04 -0.71 30.43
C ASN D 42 -14.21 -1.70 31.57
N LYS D 43 -13.68 -2.91 31.42
CA LYS D 43 -13.75 -3.91 32.48
C LYS D 43 -12.97 -3.43 33.74
N LEU D 44 -11.84 -2.74 33.54
CA LEU D 44 -11.08 -2.23 34.67
C LEU D 44 -11.90 -1.17 35.39
N ARG D 45 -12.55 -0.27 34.65
CA ARG D 45 -13.37 0.75 35.29
C ARG D 45 -14.53 0.10 36.10
N ASP D 46 -15.10 -0.96 35.56
CA ASP D 46 -16.19 -1.69 36.26
C ASP D 46 -15.67 -2.34 37.54
N SER D 47 -14.36 -2.49 37.67
CA SER D 47 -13.78 -3.14 38.85
C SER D 47 -13.26 -2.16 39.89
N LEU D 48 -13.34 -0.86 39.66
CA LEU D 48 -12.81 0.09 40.64
C LEU D 48 -13.59 -0.09 41.94
N PHE D 49 -14.92 -0.22 41.84
CA PHE D 49 -15.68 -0.50 43.04
C PHE D 49 -16.33 -1.89 42.94
N ASN D 50 -15.64 -2.78 42.23
CA ASN D 50 -16.07 -4.17 42.05
C ASN D 50 -17.40 -4.29 41.34
N ARG E 4 -11.02 -17.94 15.73
CA ARG E 4 -11.13 -16.64 15.00
C ARG E 4 -10.51 -16.76 13.61
N LYS E 5 -10.95 -15.91 12.68
CA LYS E 5 -10.42 -15.92 11.31
C LYS E 5 -9.82 -14.55 11.03
N PRO E 6 -8.65 -14.50 10.37
CA PRO E 6 -7.99 -13.23 10.06
C PRO E 6 -9.03 -12.23 9.60
N PRO E 7 -9.16 -11.09 10.31
CA PRO E 7 -10.15 -10.08 9.94
C PRO E 7 -9.77 -9.12 8.80
N ASP E 8 -10.78 -8.74 8.03
CA ASP E 8 -10.61 -7.80 6.91
C ASP E 8 -11.64 -6.71 7.10
N ALA E 9 -11.25 -5.46 6.88
CA ALA E 9 -12.17 -4.37 7.05
C ALA E 9 -11.93 -3.20 6.10
N ASP E 10 -13.00 -2.44 5.88
CA ASP E 10 -13.01 -1.20 5.11
C ASP E 10 -12.68 -1.20 3.62
N GLY E 11 -12.88 -2.33 2.96
CA GLY E 11 -12.63 -2.40 1.53
C GLY E 11 -13.85 -1.93 0.75
N CYS E 12 -13.64 -1.51 -0.49
CA CYS E 12 -14.76 -1.07 -1.35
C CYS E 12 -14.42 -1.40 -2.79
N LEU E 13 -15.42 -1.68 -3.60
CA LEU E 13 -15.19 -2.02 -4.99
C LEU E 13 -15.14 -0.79 -5.90
N HIS E 14 -14.06 -0.67 -6.67
CA HIS E 14 -13.92 0.46 -7.57
C HIS E 14 -14.83 0.23 -8.78
N ALA E 15 -15.23 1.34 -9.41
CA ALA E 15 -16.11 1.31 -10.59
C ALA E 15 -15.46 0.56 -11.75
N ASP E 16 -14.14 0.58 -11.79
CA ASP E 16 -13.40 -0.10 -12.84
C ASP E 16 -12.96 -1.42 -12.20
N PRO E 17 -13.55 -2.53 -12.63
CA PRO E 17 -13.27 -3.87 -12.12
C PRO E 17 -11.79 -4.25 -12.14
N ASP E 18 -11.06 -3.69 -13.09
CA ASP E 18 -9.65 -4.00 -13.19
C ASP E 18 -8.93 -3.55 -11.93
N LEU E 19 -9.43 -2.49 -11.28
CA LEU E 19 -8.77 -2.00 -10.06
C LEU E 19 -9.17 -2.82 -8.83
N GLY E 20 -10.26 -3.58 -8.95
CA GLY E 20 -10.73 -4.44 -7.87
C GLY E 20 -11.09 -3.75 -6.54
N VAL E 21 -10.77 -4.43 -5.44
CA VAL E 21 -11.04 -3.92 -4.10
C VAL E 21 -10.01 -2.87 -3.65
N LEU E 22 -10.51 -1.72 -3.21
CA LEU E 22 -9.61 -0.67 -2.72
C LEU E 22 -9.54 -0.79 -1.20
N CYS E 23 -8.34 -0.59 -0.65
CA CYS E 23 -8.13 -0.67 0.80
C CYS E 23 -7.39 0.55 1.36
N PRO E 24 -7.57 0.83 2.67
CA PRO E 24 -6.89 1.98 3.30
C PRO E 24 -5.40 2.05 2.98
N THR E 25 -4.94 3.24 2.65
CA THR E 25 -3.50 3.40 2.38
C THR E 25 -2.71 3.43 3.70
N GLY E 26 -1.39 3.46 3.58
CA GLY E 26 -0.56 3.58 4.77
C GLY E 26 -0.81 4.91 5.49
N CYS E 27 -1.19 5.97 4.78
CA CYS E 27 -1.45 7.25 5.43
C CYS E 27 -2.75 7.17 6.23
N LYS E 28 -3.78 6.52 5.66
CA LYS E 28 -5.06 6.41 6.36
C LYS E 28 -4.91 5.55 7.62
N LEU E 29 -4.19 4.44 7.49
CA LEU E 29 -3.94 3.53 8.60
C LEU E 29 -3.12 4.24 9.69
N GLN E 30 -2.12 5.03 9.28
CA GLN E 30 -1.31 5.77 10.25
C GLN E 30 -2.17 6.77 11.02
N ASP E 31 -3.04 7.48 10.30
CA ASP E 31 -3.96 8.46 10.94
C ASP E 31 -4.84 7.72 11.96
N THR E 32 -5.34 6.56 11.59
CA THR E 32 -6.18 5.78 12.47
C THR E 32 -5.42 5.39 13.73
N LEU E 33 -4.18 4.91 13.58
CA LEU E 33 -3.40 4.50 14.76
C LEU E 33 -3.04 5.65 15.67
N VAL E 34 -2.65 6.79 15.10
CA VAL E 34 -2.27 7.93 15.91
C VAL E 34 -3.48 8.45 16.69
N ARG E 35 -4.63 8.43 16.03
CA ARG E 35 -5.88 8.88 16.65
C ARG E 35 -6.31 7.94 17.79
N GLN E 36 -6.12 6.63 17.59
CA GLN E 36 -6.51 5.63 18.60
C GLN E 36 -5.57 5.55 19.82
N GLU E 37 -4.27 5.69 19.57
CA GLU E 37 -3.25 5.60 20.61
C GLU E 37 -3.43 6.64 21.74
N ARG E 38 -3.77 7.86 21.36
CA ARG E 38 -3.90 8.94 22.34
C ARG E 38 -4.87 8.66 23.48
N PRO E 39 -6.14 8.39 23.18
CA PRO E 39 -7.11 8.11 24.26
C PRO E 39 -6.83 6.82 25.05
N ILE E 40 -6.27 5.81 24.41
CA ILE E 40 -5.95 4.57 25.11
C ILE E 40 -4.85 4.84 26.13
N ARG E 41 -3.79 5.54 25.72
CA ARG E 41 -2.70 5.82 26.64
C ARG E 41 -3.13 6.74 27.78
N LYS E 42 -3.92 7.77 27.46
CA LYS E 42 -4.41 8.69 28.49
C LYS E 42 -5.30 7.94 29.48
N SER E 43 -6.19 7.11 28.96
CA SER E 43 -7.10 6.37 29.84
C SER E 43 -6.35 5.48 30.81
N ILE E 44 -5.26 4.86 30.35
CA ILE E 44 -4.46 3.97 31.18
C ILE E 44 -3.73 4.79 32.27
N GLU E 45 -3.30 5.99 31.92
CA GLU E 45 -2.61 6.84 32.91
C GLU E 45 -3.60 7.27 33.99
N ASP E 46 -4.75 7.76 33.57
CA ASP E 46 -5.80 8.21 34.48
C ASP E 46 -6.30 7.10 35.39
N LEU E 47 -6.47 5.93 34.79
CA LEU E 47 -6.96 4.79 35.52
C LEU E 47 -5.98 4.45 36.64
N ARG E 48 -4.67 4.56 36.37
CA ARG E 48 -3.66 4.30 37.39
C ARG E 48 -3.85 5.24 38.58
N ASN E 49 -4.09 6.51 38.28
CA ASN E 49 -4.28 7.51 39.32
C ASN E 49 -5.58 7.31 40.08
N THR E 50 -6.64 6.91 39.39
CA THR E 50 -7.90 6.67 40.05
C THR E 50 -7.75 5.53 41.05
N VAL E 51 -6.94 4.53 40.70
CA VAL E 51 -6.69 3.42 41.60
C VAL E 51 -6.18 3.98 42.93
N ASP E 52 -5.30 4.98 42.82
CA ASP E 52 -4.69 5.64 43.98
C ASP E 52 -5.54 6.68 44.71
N SER E 53 -6.47 7.31 43.99
CA SER E 53 -7.33 8.32 44.59
C SER E 53 -8.57 7.71 45.25
N VAL E 54 -8.85 6.45 44.93
CA VAL E 54 -9.98 5.71 45.48
C VAL E 54 -10.02 5.77 47.01
N VAL F 2 7.68 16.86 4.74
CA VAL F 2 7.32 16.48 3.34
C VAL F 2 8.51 15.69 2.77
N ALA F 3 8.26 14.76 1.85
CA ALA F 3 9.34 13.97 1.24
C ALA F 3 10.11 14.94 0.31
N THR F 4 11.44 14.88 0.35
CA THR F 4 12.26 15.72 -0.51
C THR F 4 13.39 14.85 -1.05
N ARG F 5 14.11 15.35 -2.05
CA ARG F 5 15.22 14.59 -2.59
C ARG F 5 16.22 14.29 -1.47
N ASP F 6 16.37 15.23 -0.53
CA ASP F 6 17.33 15.04 0.56
C ASP F 6 16.97 14.05 1.65
N ASN F 7 15.69 13.83 1.89
CA ASN F 7 15.32 12.91 2.97
C ASN F 7 14.62 11.66 2.44
N CYS F 8 14.55 11.53 1.12
CA CYS F 8 13.83 10.41 0.51
C CYS F 8 14.56 10.07 -0.79
N CYS F 9 15.48 9.11 -0.69
CA CYS F 9 16.34 8.78 -1.83
C CYS F 9 15.70 8.21 -3.07
N ILE F 10 14.46 7.75 -2.97
CA ILE F 10 13.79 7.20 -4.14
C ILE F 10 12.71 8.14 -4.68
N LEU F 11 12.57 9.33 -4.09
CA LEU F 11 11.49 10.24 -4.47
C LEU F 11 11.34 10.57 -5.95
N ASP F 12 10.13 10.35 -6.46
CA ASP F 12 9.73 10.76 -7.82
C ASP F 12 8.31 11.25 -7.58
N GLU F 13 8.16 12.57 -7.47
CA GLU F 13 6.85 13.14 -7.12
C GLU F 13 5.73 12.95 -8.13
N ARG F 14 6.05 12.51 -9.35
CA ARG F 14 5.01 12.27 -10.35
C ARG F 14 4.08 11.19 -9.82
N PHE F 15 4.61 10.36 -8.93
CA PHE F 15 3.84 9.26 -8.36
C PHE F 15 3.00 9.65 -7.15
N GLY F 16 2.94 10.93 -6.85
CA GLY F 16 2.12 11.44 -5.76
C GLY F 16 2.74 11.53 -4.40
N SER F 17 1.91 11.90 -3.42
CA SER F 17 2.40 12.00 -2.04
C SER F 17 2.82 10.63 -1.49
N TYR F 18 3.76 10.60 -0.57
CA TYR F 18 4.21 9.33 -0.01
C TYR F 18 3.63 9.08 1.37
N CYS F 19 3.51 7.78 1.70
CA CYS F 19 2.91 7.30 2.96
C CYS F 19 3.68 6.10 3.51
N PRO F 20 3.45 5.74 4.78
CA PRO F 20 4.13 4.56 5.34
C PRO F 20 3.63 3.37 4.45
N THR F 21 4.36 2.26 4.45
CA THR F 21 3.86 1.08 3.75
C THR F 21 3.05 0.31 4.82
N THR F 22 2.29 -0.70 4.40
CA THR F 22 1.59 -1.51 5.37
C THR F 22 2.55 -2.38 6.19
N CYS F 23 3.80 -2.53 5.74
CA CYS F 23 4.79 -3.23 6.59
C CYS F 23 5.10 -2.30 7.77
N GLY F 24 5.28 -1.00 7.51
CA GLY F 24 5.52 -0.05 8.59
C GLY F 24 4.33 -0.03 9.54
N ILE F 25 3.12 -0.13 8.98
CA ILE F 25 1.91 -0.14 9.82
C ILE F 25 1.91 -1.38 10.72
N ALA F 26 2.22 -2.55 10.15
CA ALA F 26 2.25 -3.78 10.92
C ALA F 26 3.33 -3.73 12.00
N ASP F 27 4.48 -3.16 11.69
CA ASP F 27 5.53 -3.10 12.70
C ASP F 27 5.17 -2.12 13.82
N PHE F 28 4.54 -0.99 13.49
CA PHE F 28 4.08 -0.04 14.48
C PHE F 28 3.03 -0.74 15.36
N LEU F 29 2.09 -1.44 14.73
CA LEU F 29 1.01 -2.10 15.49
C LEU F 29 1.55 -3.10 16.48
N ASN F 30 2.60 -3.84 16.09
CA ASN F 30 3.17 -4.80 17.01
C ASN F 30 3.81 -4.07 18.21
N ASN F 31 4.53 -2.98 17.97
CA ASN F 31 5.16 -2.26 19.08
C ASN F 31 4.11 -1.69 20.04
N TYR F 32 3.08 -1.08 19.46
CA TYR F 32 2.00 -0.45 20.21
C TYR F 32 1.23 -1.49 21.03
N GLN F 33 0.81 -2.55 20.35
CA GLN F 33 0.05 -3.60 21.02
C GLN F 33 0.80 -4.22 22.20
N THR F 34 2.08 -4.52 22.01
CA THR F 34 2.86 -5.15 23.08
C THR F 34 3.00 -4.21 24.28
N SER F 35 3.26 -2.94 24.01
CA SER F 35 3.45 -1.93 25.04
C SER F 35 2.19 -1.70 25.87
N VAL F 36 1.09 -1.44 25.17
CA VAL F 36 -0.18 -1.18 25.86
C VAL F 36 -0.65 -2.42 26.63
N ASP F 37 -0.50 -3.60 26.05
CA ASP F 37 -0.92 -4.83 26.72
C ASP F 37 -0.20 -4.99 28.08
N LYS F 38 1.09 -4.64 28.13
CA LYS F 38 1.85 -4.77 29.39
C LYS F 38 1.24 -3.90 30.48
N ASP F 39 0.87 -2.68 30.14
CA ASP F 39 0.29 -1.79 31.13
C ASP F 39 -1.08 -2.24 31.52
N LEU F 40 -1.84 -2.77 30.59
CA LEU F 40 -3.17 -3.23 30.97
C LEU F 40 -3.02 -4.44 31.92
N ARG F 41 -2.07 -5.33 31.66
CA ARG F 41 -1.86 -6.47 32.53
C ARG F 41 -1.53 -6.01 33.95
N THR F 42 -0.79 -4.90 34.10
CA THR F 42 -0.47 -4.40 35.43
C THR F 42 -1.73 -4.01 36.17
N LEU F 43 -2.62 -3.26 35.50
CA LEU F 43 -3.87 -2.82 36.12
C LEU F 43 -4.78 -4.00 36.41
N GLU F 44 -4.78 -4.99 35.53
CA GLU F 44 -5.62 -6.17 35.71
C GLU F 44 -5.15 -6.95 36.94
N GLY F 45 -3.85 -6.90 37.23
CA GLY F 45 -3.33 -7.58 38.40
C GLY F 45 -3.76 -6.88 39.68
N ILE F 46 -3.86 -5.56 39.60
CA ILE F 46 -4.26 -4.75 40.75
C ILE F 46 -5.75 -4.80 41.08
N LEU F 47 -6.59 -4.64 40.06
CA LEU F 47 -8.04 -4.63 40.29
C LEU F 47 -8.77 -5.96 40.31
N TYR F 48 -8.14 -7.00 39.82
CA TYR F 48 -8.77 -8.32 39.81
C TYR F 48 -7.99 -9.18 40.81
#